data_6RU7
#
_entry.id   6RU7
#
_cell.length_a   171.779
_cell.length_b   48.673
_cell.length_c   87.631
_cell.angle_alpha   90.000
_cell.angle_beta   109.930
_cell.angle_gamma   90.000
#
_symmetry.space_group_name_H-M   'C 1 2 1'
#
loop_
_entity.id
_entity.type
_entity.pdbx_description
1 polymer 'Casein kinase I isoform delta'
2 polymer 'Tumor protein 63'
3 non-polymer "ADENOSINE-5'-DIPHOSPHATE"
4 non-polymer 1,2-ETHANEDIOL
5 non-polymer 'SODIUM ION'
6 water water
#
loop_
_entity_poly.entity_id
_entity_poly.type
_entity_poly.pdbx_seq_one_letter_code
_entity_poly.pdbx_strand_id
1 'polypeptide(L)'
;SMMELRVGNRYRLGRKIGSGSFGDIYLGTDIAAGEEVAIKLECVKTKHPQLHIESKIYKMMQGGVGIPTIRWCGAEGDYN
VMVMELLGPSLEDLFNFCSRKFSLKTVLLLADQMISRIEYIHSKNFIHRDVKPDNFLMGLGKKGNLVYIIDFGLAKKYRD
ARTHQHIPYRENKNLTGTARYASINTHLGIEQSRRDDLESLGYVLMYFNLGSLPWQGLKAATKRQKYERISEKKMSTPIE
VLCKGYPSEFATYLNFCRSLRFDDKPDYSYLRQLFRNLFHRQGFSYDYVFDWNMLK
;
A,B
2 'polypeptide(L)' YTP(SEP)SA(SEP)TVSVGSSET C,D
#
# COMPACT_ATOMS: atom_id res chain seq x y z
N LEU A 5 26.10 36.42 28.68
CA LEU A 5 25.02 36.59 29.73
C LEU A 5 24.96 35.34 30.62
N ARG A 6 24.56 35.52 31.88
CA ARG A 6 24.56 34.50 32.96
C ARG A 6 23.17 33.86 33.01
N VAL A 7 23.05 32.59 32.67
CA VAL A 7 21.74 31.89 32.66
C VAL A 7 21.80 30.78 33.70
N GLY A 8 20.68 30.50 34.36
CA GLY A 8 20.70 29.71 35.59
C GLY A 8 21.79 30.27 36.46
N ASN A 9 22.66 29.46 36.99
CA ASN A 9 23.67 30.01 37.90
C ASN A 9 25.06 29.93 37.21
N ARG A 10 25.20 29.00 36.27
CA ARG A 10 26.51 28.39 35.91
C ARG A 10 26.65 28.28 34.40
N TYR A 11 25.68 28.79 33.65
CA TYR A 11 25.67 28.72 32.17
C TYR A 11 25.94 30.11 31.62
N ARG A 12 26.86 30.17 30.66
CA ARG A 12 27.20 31.40 29.94
C ARG A 12 26.69 31.25 28.52
N LEU A 13 25.97 32.24 28.04
CA LEU A 13 25.37 32.24 26.68
C LEU A 13 26.42 32.74 25.68
N GLY A 14 26.58 32.03 24.57
CA GLY A 14 27.40 32.45 23.42
C GLY A 14 26.53 32.75 22.23
N ARG A 15 27.08 32.55 21.04
CA ARG A 15 26.41 32.89 19.75
C ARG A 15 25.33 31.85 19.40
N LYS A 16 24.33 32.30 18.66
CA LYS A 16 23.29 31.46 18.04
C LYS A 16 23.94 30.37 17.20
N ILE A 17 23.47 29.14 17.31
CA ILE A 17 23.89 28.01 16.44
C ILE A 17 22.70 27.46 15.65
N GLY A 18 21.48 27.86 15.93
CA GLY A 18 20.27 27.27 15.31
C GLY A 18 19.00 28.04 15.59
N SER A 19 17.98 27.83 14.75
CA SER A 19 16.57 28.27 14.92
C SER A 19 15.68 27.20 14.31
N GLY A 20 14.82 26.58 15.10
CA GLY A 20 13.78 25.66 14.60
C GLY A 20 12.46 26.36 14.44
N SER A 21 11.36 25.64 14.64
CA SER A 21 9.96 26.16 14.61
C SER A 21 9.81 27.34 15.58
N PHE A 22 10.42 27.26 16.76
CA PHE A 22 10.28 28.31 17.81
C PHE A 22 11.55 28.41 18.64
N GLY A 23 11.74 29.56 19.26
CA GLY A 23 12.95 29.91 20.03
C GLY A 23 14.19 29.90 19.16
N ASP A 24 15.35 29.94 19.77
CA ASP A 24 16.66 29.87 19.10
C ASP A 24 17.63 29.10 20.00
N ILE A 25 18.61 28.45 19.39
CA ILE A 25 19.61 27.61 20.07
C ILE A 25 20.91 28.39 20.07
N TYR A 26 21.53 28.48 21.22
CA TYR A 26 22.82 29.20 21.40
C TYR A 26 23.88 28.22 21.87
N LEU A 27 25.10 28.43 21.44
CA LEU A 27 26.24 27.79 22.11
C LEU A 27 26.27 28.33 23.54
N GLY A 28 26.58 27.48 24.49
CA GLY A 28 26.86 27.95 25.86
C GLY A 28 28.00 27.21 26.48
N THR A 29 28.41 27.68 27.63
CA THR A 29 29.35 26.97 28.51
C THR A 29 28.68 26.68 29.84
N ASP A 30 28.79 25.47 30.31
CA ASP A 30 28.61 25.15 31.72
C ASP A 30 29.92 25.55 32.44
N ILE A 31 29.95 26.76 32.96
CA ILE A 31 31.15 27.37 33.61
C ILE A 31 31.59 26.49 34.78
N ALA A 32 30.67 25.85 35.50
CA ALA A 32 31.03 25.07 36.70
C ALA A 32 31.76 23.80 36.26
N ALA A 33 31.30 23.17 35.17
CA ALA A 33 31.75 21.83 34.73
C ALA A 33 32.87 21.94 33.70
N GLY A 34 33.00 23.08 33.04
CA GLY A 34 33.92 23.25 31.91
C GLY A 34 33.48 22.46 30.69
N GLU A 35 32.24 22.60 30.29
CA GLU A 35 31.66 21.79 29.18
C GLU A 35 30.79 22.70 28.35
N GLU A 36 30.88 22.59 27.05
CA GLU A 36 29.99 23.31 26.12
C GLU A 36 28.63 22.65 26.20
N VAL A 37 27.58 23.46 26.06
CA VAL A 37 26.16 23.03 26.09
C VAL A 37 25.46 23.76 24.95
N ALA A 38 24.23 23.38 24.65
CA ALA A 38 23.28 24.15 23.82
C ALA A 38 22.22 24.72 24.75
N ILE A 39 21.85 25.96 24.52
CA ILE A 39 20.86 26.70 25.33
C ILE A 39 19.76 27.14 24.38
N LYS A 40 18.56 26.60 24.58
CA LYS A 40 17.36 27.05 23.85
C LYS A 40 16.69 28.15 24.66
N LEU A 41 16.50 29.30 24.01
CA LEU A 41 15.79 30.46 24.58
C LEU A 41 14.45 30.63 23.86
N GLU A 42 13.39 30.90 24.61
CA GLU A 42 12.08 31.34 24.07
C GLU A 42 11.65 32.56 24.87
N CYS A 43 11.37 33.65 24.17
CA CYS A 43 10.76 34.88 24.74
C CYS A 43 9.49 34.52 25.52
N VAL A 44 9.44 34.89 26.82
CA VAL A 44 8.25 34.65 27.71
C VAL A 44 6.99 35.23 27.05
N LYS A 45 7.12 36.30 26.27
CA LYS A 45 6.00 37.09 25.70
C LYS A 45 5.43 36.41 24.45
N THR A 46 6.09 35.39 23.89
CA THR A 46 5.61 34.62 22.71
C THR A 46 4.10 34.37 22.80
N LYS A 47 3.43 34.33 21.64
CA LYS A 47 1.96 34.09 21.50
C LYS A 47 1.61 32.65 21.91
N HIS A 48 2.40 31.68 21.45
CA HIS A 48 2.18 30.22 21.64
C HIS A 48 3.38 29.60 22.32
N PRO A 49 3.49 29.72 23.67
CA PRO A 49 4.62 29.17 24.41
C PRO A 49 4.69 27.66 24.19
N GLN A 50 5.88 27.13 23.90
CA GLN A 50 6.07 25.70 23.59
C GLN A 50 7.26 25.11 24.33
N LEU A 51 8.19 25.95 24.82
CA LEU A 51 9.49 25.45 25.33
C LEU A 51 9.23 24.56 26.55
N HIS A 52 8.40 25.03 27.47
CA HIS A 52 8.05 24.31 28.71
C HIS A 52 7.48 22.94 28.34
N ILE A 53 6.62 22.87 27.33
CA ILE A 53 6.01 21.58 26.91
C ILE A 53 7.14 20.70 26.36
N GLU A 54 7.96 21.26 25.46
CA GLU A 54 9.09 20.50 24.85
C GLU A 54 10.02 19.95 25.96
N SER A 55 10.40 20.79 26.93
CA SER A 55 11.27 20.38 28.06
C SER A 55 10.60 19.22 28.85
N LYS A 56 9.27 19.25 29.04
CA LYS A 56 8.54 18.13 29.70
C LYS A 56 8.73 16.85 28.88
N ILE A 57 8.61 16.93 27.56
CA ILE A 57 8.77 15.73 26.69
C ILE A 57 10.22 15.23 26.77
N TYR A 58 11.21 16.14 26.68
CA TYR A 58 12.64 15.76 26.77
C TYR A 58 12.91 15.08 28.12
N LYS A 59 12.27 15.56 29.19
CA LYS A 59 12.48 15.00 30.54
C LYS A 59 11.88 13.58 30.62
N MET A 60 10.77 13.34 29.98
CA MET A 60 10.15 11.97 29.93
C MET A 60 11.04 11.01 29.11
N MET A 61 11.80 11.54 28.13
CA MET A 61 12.70 10.75 27.24
C MET A 61 14.06 10.47 27.91
N GLN A 62 14.39 11.13 29.01
CA GLN A 62 15.77 11.06 29.59
C GLN A 62 16.07 9.58 29.91
N GLY A 63 17.31 9.16 29.71
CA GLY A 63 17.73 7.76 29.91
C GLY A 63 17.93 7.03 28.59
N GLY A 64 17.32 7.52 27.51
CA GLY A 64 17.47 6.91 26.18
C GLY A 64 18.82 7.26 25.54
N VAL A 65 19.47 6.27 24.94
CA VAL A 65 20.57 6.46 23.97
C VAL A 65 20.09 7.42 22.88
N GLY A 66 20.88 8.45 22.59
CA GLY A 66 20.64 9.37 21.49
C GLY A 66 19.48 10.29 21.77
N ILE A 67 19.09 10.42 23.04
CA ILE A 67 18.24 11.54 23.50
C ILE A 67 19.13 12.56 24.18
N PRO A 68 19.18 13.81 23.71
CA PRO A 68 20.01 14.81 24.38
C PRO A 68 19.64 14.91 25.87
N THR A 69 20.65 15.03 26.72
CA THR A 69 20.48 15.27 28.17
C THR A 69 19.92 16.68 28.35
N ILE A 70 18.92 16.85 29.20
CA ILE A 70 18.54 18.20 29.67
C ILE A 70 19.36 18.47 30.94
N ARG A 71 20.05 19.58 30.98
CA ARG A 71 20.94 19.94 32.10
C ARG A 71 20.21 20.88 33.05
N TRP A 72 19.34 21.74 32.53
CA TRP A 72 18.65 22.80 33.31
C TRP A 72 17.45 23.33 32.53
N CYS A 73 16.36 23.61 33.24
CA CYS A 73 15.17 24.33 32.72
C CYS A 73 14.80 25.40 33.70
N GLY A 74 14.34 26.54 33.20
CA GLY A 74 14.03 27.70 34.04
C GLY A 74 13.64 28.90 33.21
N ALA A 75 13.64 30.07 33.82
CA ALA A 75 13.27 31.33 33.16
C ALA A 75 14.13 32.42 33.76
N GLU A 76 14.61 33.31 32.92
CA GLU A 76 15.67 34.28 33.24
C GLU A 76 15.39 35.51 32.38
N GLY A 77 15.17 36.66 33.03
CA GLY A 77 14.78 37.91 32.34
C GLY A 77 13.63 37.67 31.41
N ASP A 78 13.82 37.89 30.12
CA ASP A 78 12.72 37.92 29.12
C ASP A 78 12.54 36.53 28.48
N TYR A 79 13.14 35.47 29.03
CA TYR A 79 13.32 34.17 28.32
C TYR A 79 12.95 32.99 29.21
N ASN A 80 12.25 32.03 28.64
CA ASN A 80 12.25 30.63 29.10
C ASN A 80 13.52 29.97 28.56
N VAL A 81 14.13 29.09 29.35
CA VAL A 81 15.49 28.55 29.07
C VAL A 81 15.48 27.04 29.24
N MET A 82 16.00 26.35 28.26
CA MET A 82 16.32 24.92 28.36
C MET A 82 17.81 24.72 27.97
N VAL A 83 18.61 24.27 28.90
CA VAL A 83 20.03 23.92 28.65
C VAL A 83 20.14 22.43 28.35
N MET A 84 20.78 22.06 27.27
CA MET A 84 20.92 20.66 26.83
C MET A 84 22.36 20.39 26.42
N GLU A 85 22.70 19.12 26.40
CA GLU A 85 23.84 18.57 25.67
C GLU A 85 24.01 19.27 24.33
N LEU A 86 25.22 19.68 24.03
CA LEU A 86 25.62 20.21 22.72
C LEU A 86 25.82 19.04 21.74
N LEU A 87 25.08 19.06 20.63
CA LEU A 87 25.15 17.98 19.63
C LEU A 87 25.86 18.52 18.39
N GLY A 88 26.18 17.64 17.46
CA GLY A 88 26.91 17.96 16.23
C GLY A 88 25.98 18.25 15.05
N PRO A 89 26.49 18.10 13.82
CA PRO A 89 25.74 18.46 12.64
C PRO A 89 24.54 17.52 12.47
N SER A 90 23.51 18.00 11.82
CA SER A 90 22.33 17.20 11.36
C SER A 90 22.78 16.22 10.26
N LEU A 91 21.99 15.19 10.02
CA LEU A 91 22.20 14.27 8.88
C LEU A 91 22.04 15.03 7.54
N GLU A 92 21.22 16.08 7.49
CA GLU A 92 21.08 16.92 6.28
C GLU A 92 22.39 17.67 6.06
N ASP A 93 22.93 18.26 7.13
CA ASP A 93 24.24 18.96 7.04
C ASP A 93 25.29 17.98 6.53
N LEU A 94 25.34 16.78 7.10
CA LEU A 94 26.39 15.81 6.73
C LEU A 94 26.17 15.32 5.31
N PHE A 95 24.92 15.13 4.91
CA PHE A 95 24.57 14.76 3.54
C PHE A 95 25.15 15.80 2.56
N ASN A 96 24.96 17.09 2.86
CA ASN A 96 25.57 18.19 2.03
C ASN A 96 27.10 18.11 2.04
N PHE A 97 27.72 17.82 3.17
CA PHE A 97 29.20 17.73 3.24
C PHE A 97 29.68 16.54 2.44
N CYS A 98 28.83 15.53 2.24
CA CYS A 98 29.20 14.30 1.47
C CYS A 98 28.67 14.40 0.01
N SER A 99 28.38 15.60 -0.48
CA SER A 99 27.96 15.84 -1.89
C SER A 99 26.63 15.13 -2.18
N ARG A 100 25.76 15.02 -1.18
CA ARG A 100 24.37 14.57 -1.28
C ARG A 100 24.36 13.13 -1.83
N LYS A 101 25.35 12.33 -1.45
CA LYS A 101 25.45 10.86 -1.67
C LYS A 101 25.93 10.19 -0.37
N PHE A 102 25.14 9.30 0.24
CA PHE A 102 25.62 8.38 1.29
C PHE A 102 25.91 7.00 0.68
N SER A 103 27.03 6.39 1.05
CA SER A 103 27.34 4.97 0.73
C SER A 103 26.23 4.09 1.35
N LEU A 104 25.98 2.94 0.78
CA LEU A 104 25.02 2.00 1.35
C LEU A 104 25.40 1.71 2.81
N LYS A 105 26.68 1.58 3.13
CA LYS A 105 27.11 1.26 4.51
C LYS A 105 26.67 2.37 5.48
N THR A 106 26.91 3.63 5.12
CA THR A 106 26.46 4.78 5.98
C THR A 106 24.91 4.73 6.15
N VAL A 107 24.16 4.56 5.07
CA VAL A 107 22.67 4.54 5.16
C VAL A 107 22.24 3.43 6.15
N LEU A 108 22.90 2.27 6.12
CA LEU A 108 22.53 1.14 6.98
C LEU A 108 22.98 1.36 8.42
N LEU A 109 24.16 1.95 8.62
CA LEU A 109 24.57 2.38 9.98
C LEU A 109 23.50 3.32 10.55
N LEU A 110 23.06 4.29 9.77
CA LEU A 110 22.07 5.27 10.23
C LEU A 110 20.72 4.60 10.45
N ALA A 111 20.30 3.69 9.57
CA ALA A 111 18.96 3.06 9.66
C ALA A 111 18.86 2.34 10.98
N ASP A 112 19.91 1.63 11.36
CA ASP A 112 19.90 0.81 12.58
C ASP A 112 19.61 1.71 13.78
N GLN A 113 20.30 2.84 13.88
CA GLN A 113 20.18 3.73 15.04
C GLN A 113 18.85 4.46 14.98
N MET A 114 18.43 4.88 13.81
CA MET A 114 17.24 5.74 13.67
C MET A 114 15.99 4.92 13.99
N ILE A 115 15.95 3.64 13.62
CA ILE A 115 14.79 2.76 13.98
C ILE A 115 14.77 2.65 15.51
N SER A 116 15.94 2.51 16.14
CA SER A 116 16.05 2.38 17.63
C SER A 116 15.60 3.67 18.32
N ARG A 117 15.96 4.83 17.80
CA ARG A 117 15.54 6.11 18.40
C ARG A 117 14.02 6.15 18.39
N ILE A 118 13.41 5.87 17.25
CA ILE A 118 11.96 5.99 17.08
C ILE A 118 11.28 4.95 17.98
N GLU A 119 11.81 3.75 18.07
CA GLU A 119 11.27 2.73 18.98
C GLU A 119 11.28 3.30 20.40
N TYR A 120 12.39 3.88 20.81
CA TYR A 120 12.55 4.33 22.19
C TYR A 120 11.46 5.36 22.46
N ILE A 121 11.29 6.31 21.55
CA ILE A 121 10.28 7.38 21.71
C ILE A 121 8.90 6.73 21.87
N HIS A 122 8.58 5.74 21.02
CA HIS A 122 7.28 5.02 21.03
C HIS A 122 7.11 4.31 22.39
N SER A 123 8.20 3.76 22.95
CA SER A 123 8.21 3.05 24.25
C SER A 123 7.83 4.03 25.38
N LYS A 124 8.06 5.33 25.19
CA LYS A 124 7.71 6.38 26.17
C LYS A 124 6.38 7.02 25.79
N ASN A 125 5.61 6.37 24.91
CA ASN A 125 4.18 6.68 24.67
C ASN A 125 4.02 7.86 23.71
N PHE A 126 5.07 8.27 23.03
CA PHE A 126 5.01 9.42 22.10
C PHE A 126 5.25 8.95 20.68
N ILE A 127 4.67 9.67 19.73
CA ILE A 127 5.12 9.70 18.32
C ILE A 127 5.78 11.04 18.06
N HIS A 128 6.78 11.04 17.23
CA HIS A 128 7.62 12.22 16.96
C HIS A 128 6.92 13.12 15.94
N ARG A 129 6.47 12.54 14.83
CA ARG A 129 5.65 13.18 13.78
C ARG A 129 6.48 14.16 12.96
N ASP A 130 7.80 14.28 13.17
CA ASP A 130 8.65 15.12 12.29
C ASP A 130 9.99 14.43 12.03
N VAL A 131 9.92 13.18 11.55
CA VAL A 131 11.09 12.37 11.15
C VAL A 131 11.64 12.91 9.82
N LYS A 132 12.83 13.50 9.87
CA LYS A 132 13.50 14.11 8.72
C LYS A 132 14.97 14.30 9.03
N PRO A 133 15.83 14.37 8.01
CA PRO A 133 17.28 14.43 8.21
C PRO A 133 17.74 15.58 9.12
N ASP A 134 17.01 16.68 9.12
CA ASP A 134 17.27 17.90 9.92
C ASP A 134 17.09 17.60 11.41
N ASN A 135 16.31 16.59 11.77
CA ASN A 135 15.95 16.38 13.20
C ASN A 135 16.73 15.20 13.76
N PHE A 136 17.72 14.69 13.05
CA PHE A 136 18.74 13.78 13.61
C PHE A 136 20.10 14.46 13.55
N LEU A 137 20.77 14.49 14.68
CA LEU A 137 22.10 15.13 14.86
C LEU A 137 23.07 14.06 15.31
N MET A 138 24.27 14.01 14.76
CA MET A 138 25.34 13.19 15.34
C MET A 138 25.81 13.84 16.65
N GLY A 139 26.22 13.05 17.64
CA GLY A 139 26.87 13.56 18.84
C GLY A 139 28.20 14.17 18.51
N LEU A 140 28.84 14.76 19.52
CA LEU A 140 30.22 15.32 19.46
C LEU A 140 31.09 14.47 20.36
N GLY A 141 32.39 14.48 20.11
CA GLY A 141 33.38 13.88 21.00
C GLY A 141 33.16 12.40 21.11
N LYS A 142 33.08 11.86 22.31
CA LYS A 142 32.93 10.41 22.58
C LYS A 142 31.56 9.92 22.07
N LYS A 143 30.64 10.84 21.80
CA LYS A 143 29.27 10.57 21.29
C LYS A 143 29.23 10.73 19.76
N GLY A 144 30.39 10.86 19.10
CA GLY A 144 30.51 11.15 17.65
C GLY A 144 29.89 10.05 16.78
N ASN A 145 29.70 8.84 17.30
CA ASN A 145 29.18 7.67 16.54
C ASN A 145 27.69 7.46 16.80
N LEU A 146 27.11 8.28 17.66
CA LEU A 146 25.70 8.18 18.10
C LEU A 146 24.86 9.15 17.29
N VAL A 147 23.75 8.67 16.74
CA VAL A 147 22.69 9.48 16.11
C VAL A 147 21.74 9.89 17.20
N TYR A 148 21.48 11.18 17.34
CA TYR A 148 20.49 11.71 18.31
C TYR A 148 19.28 12.11 17.53
N ILE A 149 18.13 12.08 18.15
CA ILE A 149 16.91 12.69 17.60
C ILE A 149 16.59 13.94 18.43
N ILE A 150 16.11 14.98 17.77
CA ILE A 150 15.75 16.27 18.39
C ILE A 150 14.39 16.70 17.85
N ASP A 151 13.99 17.93 18.19
CA ASP A 151 12.78 18.62 17.73
C ASP A 151 11.57 17.78 18.11
N PHE A 152 11.14 17.90 19.35
CA PHE A 152 9.90 17.31 19.88
C PHE A 152 8.78 18.34 19.85
N GLY A 153 8.90 19.35 18.99
CA GLY A 153 7.90 20.41 18.81
C GLY A 153 6.56 19.89 18.30
N LEU A 154 6.52 18.78 17.56
CA LEU A 154 5.25 18.22 17.02
C LEU A 154 4.91 16.90 17.71
N ALA A 155 5.68 16.48 18.70
CA ALA A 155 5.51 15.17 19.38
C ALA A 155 4.18 15.17 20.14
N LYS A 156 3.57 14.01 20.30
CA LYS A 156 2.32 13.88 21.09
C LYS A 156 2.16 12.43 21.50
N LYS A 157 1.43 12.22 22.60
CA LYS A 157 1.03 10.87 23.08
C LYS A 157 0.21 10.20 21.98
N TYR A 158 0.48 8.94 21.71
CA TYR A 158 -0.37 8.06 20.89
C TYR A 158 -1.09 7.06 21.79
N ARG A 159 -0.74 6.99 23.07
CA ARG A 159 -1.45 6.13 24.04
C ARG A 159 -1.33 6.73 25.44
N ASP A 160 -2.37 6.54 26.23
CA ASP A 160 -2.36 6.73 27.70
C ASP A 160 -1.11 6.05 28.30
N ALA A 161 -0.37 6.78 29.15
CA ALA A 161 0.85 6.29 29.85
C ALA A 161 0.50 5.12 30.77
N ARG A 162 -0.69 5.14 31.38
CA ARG A 162 -1.18 4.13 32.38
C ARG A 162 -1.78 2.93 31.64
N THR A 163 -2.81 3.13 30.81
CA THR A 163 -3.62 2.05 30.19
C THR A 163 -2.93 1.51 28.94
N HIS A 164 -2.10 2.32 28.27
CA HIS A 164 -1.61 2.03 26.89
C HIS A 164 -2.81 2.00 25.92
N GLN A 165 -3.97 2.57 26.29
CA GLN A 165 -5.08 2.79 25.33
C GLN A 165 -4.57 3.72 24.21
N HIS A 166 -4.61 3.25 22.97
CA HIS A 166 -4.20 4.00 21.75
C HIS A 166 -5.18 5.15 21.56
N ILE A 167 -4.72 6.33 21.15
CA ILE A 167 -5.60 7.45 20.71
C ILE A 167 -6.54 6.94 19.65
N PRO A 168 -7.75 7.54 19.52
CA PRO A 168 -8.71 7.09 18.51
C PRO A 168 -8.28 7.49 17.08
N TYR A 169 -8.70 6.69 16.11
CA TYR A 169 -8.63 7.01 14.66
C TYR A 169 -9.42 8.30 14.41
N ARG A 170 -8.90 9.17 13.57
CA ARG A 170 -9.56 10.43 13.18
C ARG A 170 -9.09 10.75 11.77
N GLU A 171 -9.92 11.47 11.02
CA GLU A 171 -9.68 11.86 9.62
C GLU A 171 -9.83 13.37 9.50
N ASN A 172 -9.60 13.92 8.30
CA ASN A 172 -9.74 15.35 7.93
C ASN A 172 -8.73 16.26 8.71
N LYS A 173 -7.67 15.67 9.30
CA LYS A 173 -6.53 16.43 9.91
C LYS A 173 -5.79 17.21 8.81
N ASN A 174 -5.34 18.42 9.14
CA ASN A 174 -4.32 19.21 8.39
C ASN A 174 -3.01 18.42 8.34
N LEU A 175 -2.16 18.69 7.37
CA LEU A 175 -0.81 18.10 7.37
C LEU A 175 -0.01 18.60 8.59
N THR A 176 0.50 17.66 9.39
CA THR A 176 1.45 17.89 10.51
C THR A 176 2.78 17.24 10.15
N GLY A 177 3.86 18.00 10.22
CA GLY A 177 5.22 17.50 9.97
C GLY A 177 5.80 18.15 8.74
N THR A 178 6.59 17.41 7.97
CA THR A 178 7.27 17.90 6.76
C THR A 178 6.73 17.17 5.55
N ALA A 179 6.20 17.91 4.59
CA ALA A 179 5.53 17.40 3.36
C ALA A 179 6.43 16.37 2.66
N ARG A 180 7.73 16.67 2.49
CA ARG A 180 8.63 15.81 1.70
C ARG A 180 8.63 14.37 2.28
N TYR A 181 8.59 14.23 3.59
CA TYR A 181 8.84 12.96 4.31
C TYR A 181 7.57 12.40 4.92
N ALA A 182 6.45 13.13 4.81
CA ALA A 182 5.14 12.77 5.42
C ALA A 182 4.67 11.42 4.87
N SER A 183 4.08 10.62 5.72
CA SER A 183 3.44 9.34 5.31
C SER A 183 2.28 9.65 4.35
N ILE A 184 1.88 8.69 3.54
CA ILE A 184 0.66 8.81 2.71
C ILE A 184 -0.57 9.00 3.63
N ASN A 185 -0.62 8.32 4.78
CA ASN A 185 -1.76 8.48 5.72
C ASN A 185 -1.87 9.95 6.13
N THR A 186 -0.74 10.60 6.42
CA THR A 186 -0.71 12.01 6.88
C THR A 186 -1.26 12.92 5.79
N HIS A 187 -0.85 12.68 4.55
CA HIS A 187 -1.33 13.42 3.36
C HIS A 187 -2.84 13.24 3.23
N LEU A 188 -3.37 12.07 3.56
CA LEU A 188 -4.83 11.78 3.41
C LEU A 188 -5.63 12.38 4.57
N GLY A 189 -4.98 13.00 5.54
CA GLY A 189 -5.63 13.66 6.68
C GLY A 189 -5.90 12.70 7.82
N ILE A 190 -5.27 11.54 7.81
CA ILE A 190 -5.42 10.52 8.88
C ILE A 190 -4.49 10.86 10.05
N GLU A 191 -4.98 10.65 11.26
CA GLU A 191 -4.25 10.76 12.53
C GLU A 191 -2.96 9.95 12.45
N GLN A 192 -1.85 10.55 12.88
CA GLN A 192 -0.52 9.90 12.88
C GLN A 192 -0.46 8.90 14.02
N SER A 193 0.23 7.79 13.79
CA SER A 193 0.52 6.76 14.82
C SER A 193 1.96 6.27 14.66
N ARG A 194 2.32 5.19 15.31
CA ARG A 194 3.68 4.66 15.29
C ARG A 194 4.11 4.38 13.85
N ARG A 195 3.22 3.82 13.01
CA ARG A 195 3.56 3.43 11.63
C ARG A 195 4.12 4.63 10.83
N ASP A 196 3.62 5.83 11.07
CA ASP A 196 3.88 7.06 10.27
C ASP A 196 5.29 7.54 10.52
N ASP A 197 5.78 7.46 11.76
CA ASP A 197 7.21 7.77 12.06
C ASP A 197 8.10 6.81 11.25
N LEU A 198 7.76 5.52 11.21
CA LEU A 198 8.61 4.51 10.52
C LEU A 198 8.48 4.68 8.99
N GLU A 199 7.30 5.01 8.49
CA GLU A 199 7.13 5.24 7.03
C GLU A 199 8.02 6.44 6.63
N SER A 200 7.97 7.50 7.41
CA SER A 200 8.77 8.72 7.18
C SER A 200 10.27 8.35 7.12
N LEU A 201 10.73 7.54 8.03
CA LEU A 201 12.13 7.10 8.04
C LEU A 201 12.44 6.36 6.75
N GLY A 202 11.52 5.55 6.28
CA GLY A 202 11.66 4.84 5.00
C GLY A 202 11.95 5.79 3.88
N TYR A 203 11.25 6.94 3.83
CA TYR A 203 11.51 7.95 2.78
C TYR A 203 12.83 8.64 3.03
N VAL A 204 13.18 8.91 4.27
CA VAL A 204 14.50 9.52 4.60
C VAL A 204 15.60 8.61 4.05
N LEU A 205 15.48 7.30 4.25
CA LEU A 205 16.51 6.34 3.85
C LEU A 205 16.64 6.33 2.33
N MET A 206 15.53 6.36 1.59
CA MET A 206 15.59 6.37 0.12
C MET A 206 16.05 7.76 -0.37
N TYR A 207 15.78 8.82 0.37
CA TYR A 207 16.32 10.16 0.09
C TYR A 207 17.87 10.14 0.13
N PHE A 208 18.45 9.54 1.16
CA PHE A 208 19.90 9.36 1.29
C PHE A 208 20.45 8.52 0.14
N ASN A 209 19.75 7.45 -0.25
CA ASN A 209 20.17 6.54 -1.35
C ASN A 209 20.18 7.30 -2.67
N LEU A 210 19.15 8.11 -2.94
CA LEU A 210 18.89 8.68 -4.28
C LEU A 210 19.54 10.07 -4.43
N GLY A 211 19.65 10.82 -3.34
CA GLY A 211 20.04 12.22 -3.36
C GLY A 211 18.84 13.14 -3.41
N SER A 212 17.68 12.61 -3.75
CA SER A 212 16.42 13.37 -3.74
C SER A 212 15.25 12.39 -3.89
N LEU A 213 14.04 12.83 -3.60
CA LEU A 213 12.83 12.01 -3.76
C LEU A 213 12.08 12.50 -4.97
N PRO A 214 11.32 11.61 -5.66
CA PRO A 214 10.72 11.96 -6.92
C PRO A 214 9.61 13.00 -6.79
N TRP A 215 9.22 13.34 -5.57
CA TRP A 215 8.15 14.34 -5.30
C TRP A 215 8.75 15.64 -4.78
N GLN A 216 10.06 15.85 -4.95
CA GLN A 216 10.75 17.14 -4.67
C GLN A 216 10.55 18.11 -5.83
N GLY A 217 10.55 19.40 -5.54
CA GLY A 217 10.48 20.46 -6.56
C GLY A 217 9.21 20.39 -7.41
N LEU A 218 8.06 20.01 -6.85
CA LEU A 218 6.79 20.06 -7.61
C LEU A 218 6.23 21.49 -7.59
N LYS A 219 6.02 22.06 -8.76
CA LYS A 219 5.52 23.45 -8.93
C LYS A 219 4.05 23.45 -8.53
N ALA A 220 3.65 24.41 -7.69
CA ALA A 220 2.24 24.67 -7.32
C ALA A 220 2.06 26.12 -6.87
N ALA A 221 0.81 26.59 -6.86
CA ALA A 221 0.43 28.00 -6.65
C ALA A 221 0.17 28.27 -5.16
N THR A 222 0.02 27.21 -4.36
CA THR A 222 -0.38 27.26 -2.93
C THR A 222 0.34 26.15 -2.17
N LYS A 223 0.56 26.35 -0.86
CA LYS A 223 1.02 25.32 0.09
C LYS A 223 0.11 24.09 -0.05
N ARG A 224 -1.19 24.27 0.15
CA ARG A 224 -2.14 23.13 0.12
C ARG A 224 -2.02 22.44 -1.24
N GLN A 225 -1.92 23.17 -2.34
CA GLN A 225 -1.78 22.56 -3.68
C GLN A 225 -0.45 21.81 -3.77
N LYS A 226 0.63 22.41 -3.26
CA LYS A 226 1.94 21.75 -3.21
C LYS A 226 1.81 20.42 -2.44
N TYR A 227 1.21 20.43 -1.25
CA TYR A 227 1.04 19.23 -0.40
C TYR A 227 0.27 18.16 -1.19
N GLU A 228 -0.74 18.57 -1.95
CA GLU A 228 -1.61 17.64 -2.72
C GLU A 228 -0.85 17.04 -3.89
N ARG A 229 -0.04 17.83 -4.60
CA ARG A 229 0.85 17.34 -5.67
C ARG A 229 1.84 16.34 -5.05
N ILE A 230 2.46 16.67 -3.91
CA ILE A 230 3.37 15.72 -3.22
C ILE A 230 2.59 14.42 -2.93
N SER A 231 1.40 14.53 -2.34
CA SER A 231 0.51 13.40 -2.00
C SER A 231 0.29 12.53 -3.24
N GLU A 232 -0.07 13.17 -4.36
CA GLU A 232 -0.48 12.47 -5.61
C GLU A 232 0.75 11.71 -6.14
N LYS A 233 1.91 12.38 -6.15
CA LYS A 233 3.16 11.78 -6.64
C LYS A 233 3.52 10.57 -5.77
N LYS A 234 3.46 10.69 -4.45
CA LYS A 234 3.79 9.58 -3.52
C LYS A 234 2.84 8.40 -3.78
N MET A 235 1.56 8.68 -3.95
CA MET A 235 0.52 7.62 -4.08
C MET A 235 0.63 6.96 -5.45
N SER A 236 1.18 7.64 -6.43
CA SER A 236 1.26 7.13 -7.81
C SER A 236 2.69 6.62 -8.12
N THR A 237 3.60 6.64 -7.16
CA THR A 237 4.96 6.09 -7.32
C THR A 237 5.03 4.76 -6.58
N PRO A 238 4.96 3.61 -7.30
CA PRO A 238 5.07 2.31 -6.64
C PRO A 238 6.37 2.26 -5.85
N ILE A 239 6.35 1.59 -4.72
CA ILE A 239 7.54 1.38 -3.87
C ILE A 239 8.64 0.72 -4.72
N GLU A 240 8.31 -0.22 -5.60
CA GLU A 240 9.35 -0.90 -6.42
C GLU A 240 9.97 0.10 -7.43
N VAL A 241 9.27 1.16 -7.84
CA VAL A 241 9.86 2.20 -8.74
C VAL A 241 10.73 3.14 -7.88
N LEU A 242 10.25 3.55 -6.72
CA LEU A 242 11.00 4.42 -5.79
C LEU A 242 12.35 3.78 -5.48
N CYS A 243 12.36 2.48 -5.27
CA CYS A 243 13.50 1.74 -4.69
C CYS A 243 14.28 1.00 -5.77
N LYS A 244 13.93 1.20 -7.06
CA LYS A 244 14.59 0.50 -8.19
C LYS A 244 16.10 0.80 -8.19
N GLY A 245 16.90 -0.25 -8.33
CA GLY A 245 18.38 -0.19 -8.36
C GLY A 245 19.00 -0.27 -6.97
N TYR A 246 18.19 -0.33 -5.90
CA TYR A 246 18.67 -0.36 -4.50
C TYR A 246 18.27 -1.67 -3.87
N PRO A 247 19.01 -2.15 -2.86
CA PRO A 247 18.66 -3.43 -2.23
C PRO A 247 17.16 -3.51 -1.89
N SER A 248 16.59 -4.67 -2.08
CA SER A 248 15.13 -4.93 -1.91
C SER A 248 14.69 -4.58 -0.48
N GLU A 249 15.61 -4.58 0.49
CA GLU A 249 15.28 -4.33 1.92
C GLU A 249 14.58 -2.97 2.06
N PHE A 250 14.94 -1.98 1.26
CA PHE A 250 14.35 -0.62 1.34
C PHE A 250 12.87 -0.68 0.96
N ALA A 251 12.53 -1.50 -0.04
CA ALA A 251 11.16 -1.70 -0.55
C ALA A 251 10.38 -2.55 0.46
N THR A 252 10.97 -3.64 0.95
CA THR A 252 10.38 -4.50 2.00
C THR A 252 10.05 -3.63 3.22
N TYR A 253 10.97 -2.77 3.62
CA TYR A 253 10.77 -1.87 4.78
C TYR A 253 9.56 -0.98 4.51
N LEU A 254 9.50 -0.35 3.36
CA LEU A 254 8.38 0.60 3.10
C LEU A 254 7.05 -0.19 2.98
N ASN A 255 7.05 -1.36 2.37
CA ASN A 255 5.81 -2.20 2.24
C ASN A 255 5.30 -2.62 3.63
N PHE A 256 6.20 -2.98 4.53
CA PHE A 256 5.87 -3.33 5.92
C PHE A 256 5.22 -2.14 6.62
N CYS A 257 5.84 -0.96 6.58
CA CYS A 257 5.28 0.25 7.23
C CYS A 257 3.89 0.59 6.66
N ARG A 258 3.72 0.51 5.36
CA ARG A 258 2.42 0.85 4.70
C ARG A 258 1.36 -0.21 5.02
N SER A 259 1.74 -1.40 5.46
CA SER A 259 0.79 -2.49 5.80
C SER A 259 0.31 -2.38 7.25
N LEU A 260 1.04 -1.65 8.10
CA LEU A 260 0.68 -1.53 9.54
C LEU A 260 -0.72 -0.94 9.71
N ARG A 261 -1.47 -1.48 10.62
CA ARG A 261 -2.75 -0.88 11.05
C ARG A 261 -2.49 0.34 11.91
N PHE A 262 -3.49 1.20 12.02
CA PHE A 262 -3.41 2.45 12.78
C PHE A 262 -2.75 2.17 14.15
N ASP A 263 -3.19 1.16 14.87
CA ASP A 263 -2.80 0.94 16.29
C ASP A 263 -1.82 -0.24 16.40
N ASP A 264 -1.29 -0.75 15.31
CA ASP A 264 -0.30 -1.87 15.36
C ASP A 264 0.96 -1.38 16.06
N LYS A 265 1.54 -2.23 16.87
CA LYS A 265 2.92 -2.12 17.35
C LYS A 265 3.84 -2.60 16.24
N PRO A 266 4.64 -1.72 15.64
CA PRO A 266 5.60 -2.15 14.64
C PRO A 266 6.56 -3.20 15.20
N ASP A 267 6.99 -4.10 14.33
CA ASP A 267 8.09 -5.05 14.62
C ASP A 267 9.41 -4.34 14.31
N TYR A 268 9.83 -3.44 15.19
CA TYR A 268 11.09 -2.68 15.12
C TYR A 268 12.23 -3.67 14.89
N SER A 269 12.22 -4.75 15.61
CA SER A 269 13.36 -5.71 15.64
C SER A 269 13.47 -6.40 14.27
N TYR A 270 12.33 -6.70 13.66
CA TYR A 270 12.30 -7.24 12.27
C TYR A 270 12.90 -6.20 11.31
N LEU A 271 12.48 -4.97 11.39
CA LEU A 271 12.93 -3.89 10.47
C LEU A 271 14.44 -3.68 10.63
N ARG A 272 14.96 -3.67 11.86
CA ARG A 272 16.42 -3.57 12.10
C ARG A 272 17.11 -4.79 11.51
N GLN A 273 16.55 -5.97 11.72
CA GLN A 273 17.15 -7.24 11.25
C GLN A 273 17.20 -7.24 9.71
N LEU A 274 16.23 -6.63 9.02
CA LEU A 274 16.26 -6.56 7.53
C LEU A 274 17.59 -5.93 7.13
N PHE A 275 17.87 -4.75 7.68
CA PHE A 275 19.02 -3.92 7.28
C PHE A 275 20.30 -4.59 7.76
N ARG A 276 20.25 -5.21 8.92
CA ARG A 276 21.40 -5.91 9.54
C ARG A 276 21.79 -7.12 8.70
N ASN A 277 20.82 -7.83 8.15
CA ASN A 277 21.10 -8.98 7.27
C ASN A 277 21.77 -8.47 5.99
N LEU A 278 21.28 -7.40 5.42
CA LEU A 278 21.88 -6.77 4.21
C LEU A 278 23.31 -6.28 4.51
N PHE A 279 23.47 -5.62 5.64
CA PHE A 279 24.78 -5.12 6.11
C PHE A 279 25.79 -6.28 6.09
N HIS A 280 25.39 -7.43 6.61
CA HIS A 280 26.25 -8.63 6.72
C HIS A 280 26.50 -9.22 5.32
N ARG A 281 25.48 -9.31 4.47
CA ARG A 281 25.64 -9.88 3.10
CA ARG A 281 25.62 -9.85 3.07
C ARG A 281 26.63 -8.98 2.31
N GLN A 282 26.70 -7.68 2.63
CA GLN A 282 27.63 -6.73 1.95
C GLN A 282 29.04 -6.88 2.50
N GLY A 283 29.19 -7.55 3.62
CA GLY A 283 30.48 -7.72 4.30
C GLY A 283 30.95 -6.46 4.99
N PHE A 284 30.02 -5.56 5.33
CA PHE A 284 30.34 -4.34 6.14
C PHE A 284 30.60 -4.73 7.61
N SER A 285 31.39 -3.96 8.33
CA SER A 285 31.55 -4.11 9.81
C SER A 285 30.96 -2.88 10.50
N TYR A 286 30.26 -3.09 11.63
CA TYR A 286 29.61 -2.03 12.47
C TYR A 286 30.72 -1.31 13.26
N ASP A 287 31.58 -0.54 12.55
CA ASP A 287 32.78 0.14 13.10
C ASP A 287 32.51 1.65 13.21
N TYR A 288 31.30 2.07 12.85
CA TYR A 288 30.83 3.46 12.87
C TYR A 288 31.79 4.36 12.09
N VAL A 289 32.40 3.87 11.04
CA VAL A 289 33.09 4.73 10.05
C VAL A 289 32.08 5.15 9.00
N PHE A 290 31.52 6.34 9.16
CA PHE A 290 30.56 6.97 8.23
C PHE A 290 31.32 7.69 7.11
N ASP A 291 30.65 7.92 6.00
CA ASP A 291 31.23 8.65 4.84
C ASP A 291 31.95 9.93 5.35
N TRP A 292 31.34 10.71 6.21
CA TRP A 292 31.88 12.03 6.60
C TRP A 292 33.17 11.90 7.43
N ASN A 293 33.44 10.73 8.01
CA ASN A 293 34.71 10.43 8.73
C ASN A 293 35.88 10.34 7.74
N MET A 294 35.59 10.18 6.45
CA MET A 294 36.63 10.01 5.41
C MET A 294 37.01 11.38 4.83
N LEU A 295 36.28 12.43 5.15
CA LEU A 295 36.51 13.78 4.59
C LEU A 295 37.89 14.27 5.05
N LYS A 296 38.73 14.67 4.10
CA LYS A 296 40.14 15.02 4.39
C LYS A 296 40.26 16.54 4.57
N LEU B 5 -32.95 -22.25 -34.67
CA LEU B 5 -32.12 -22.51 -35.87
C LEU B 5 -30.96 -23.46 -35.52
N ARG B 6 -30.40 -24.13 -36.53
CA ARG B 6 -29.34 -25.15 -36.41
C ARG B 6 -27.96 -24.50 -36.55
N VAL B 7 -27.00 -24.98 -35.80
CA VAL B 7 -25.57 -24.64 -35.92
C VAL B 7 -24.81 -25.95 -36.10
N GLY B 8 -23.94 -26.03 -37.10
CA GLY B 8 -23.35 -27.31 -37.58
C GLY B 8 -24.43 -28.31 -37.93
N ASN B 9 -24.22 -29.58 -37.63
CA ASN B 9 -25.23 -30.66 -37.86
C ASN B 9 -26.02 -30.96 -36.57
N ARG B 10 -25.50 -30.61 -35.39
CA ARG B 10 -25.95 -31.23 -34.11
C ARG B 10 -26.30 -30.20 -33.04
N TYR B 11 -26.16 -28.90 -33.29
CA TYR B 11 -26.48 -27.88 -32.28
C TYR B 11 -27.74 -27.15 -32.68
N ARG B 12 -28.63 -26.94 -31.72
CA ARG B 12 -29.81 -26.09 -31.86
C ARG B 12 -29.60 -24.85 -31.02
N LEU B 13 -29.85 -23.69 -31.60
CA LEU B 13 -29.63 -22.40 -30.94
C LEU B 13 -30.92 -21.99 -30.25
N GLY B 14 -30.83 -21.53 -29.00
CA GLY B 14 -31.92 -20.92 -28.26
C GLY B 14 -31.69 -19.46 -28.03
N ARG B 15 -32.26 -18.91 -26.98
CA ARG B 15 -32.22 -17.45 -26.73
C ARG B 15 -30.93 -17.06 -26.02
N LYS B 16 -30.60 -15.79 -26.14
CA LYS B 16 -29.41 -15.15 -25.53
C LYS B 16 -29.48 -15.35 -24.02
N ILE B 17 -28.39 -15.76 -23.40
CA ILE B 17 -28.35 -15.84 -21.92
C ILE B 17 -27.43 -14.77 -21.35
N GLY B 18 -26.50 -14.20 -22.13
CA GLY B 18 -25.67 -13.09 -21.65
C GLY B 18 -24.77 -12.50 -22.72
N SER B 19 -24.00 -11.47 -22.33
CA SER B 19 -23.09 -10.69 -23.18
C SER B 19 -21.89 -10.26 -22.35
N GLY B 20 -20.71 -10.71 -22.71
CA GLY B 20 -19.46 -10.43 -21.97
C GLY B 20 -18.70 -9.32 -22.65
N SER B 21 -17.36 -9.38 -22.60
CA SER B 21 -16.47 -8.34 -23.17
C SER B 21 -16.65 -8.26 -24.71
N PHE B 22 -17.11 -9.34 -25.40
CA PHE B 22 -17.49 -9.31 -26.86
C PHE B 22 -18.45 -10.48 -27.18
N GLY B 23 -19.16 -10.39 -28.30
CA GLY B 23 -20.09 -11.44 -28.80
C GLY B 23 -21.26 -11.65 -27.84
N ASP B 24 -22.03 -12.72 -28.01
CA ASP B 24 -23.19 -13.03 -27.13
C ASP B 24 -23.28 -14.54 -26.93
N ILE B 25 -23.80 -14.94 -25.78
CA ILE B 25 -23.88 -16.35 -25.34
C ILE B 25 -25.34 -16.72 -25.43
N TYR B 26 -25.63 -17.83 -26.09
CA TYR B 26 -26.98 -18.36 -26.31
C TYR B 26 -27.09 -19.72 -25.65
N LEU B 27 -28.27 -19.99 -25.15
CA LEU B 27 -28.67 -21.34 -24.79
C LEU B 27 -28.62 -22.18 -26.06
N GLY B 28 -28.17 -23.43 -25.93
CA GLY B 28 -28.13 -24.37 -27.04
C GLY B 28 -28.40 -25.79 -26.59
N THR B 29 -28.64 -26.68 -27.52
CA THR B 29 -28.69 -28.14 -27.28
C THR B 29 -27.77 -28.85 -28.24
N ASP B 30 -26.98 -29.75 -27.73
CA ASP B 30 -26.27 -30.77 -28.51
C ASP B 30 -27.27 -31.90 -28.77
N ILE B 31 -27.88 -31.88 -29.94
CA ILE B 31 -28.92 -32.86 -30.42
C ILE B 31 -28.37 -34.28 -30.31
N ALA B 32 -27.13 -34.48 -30.74
CA ALA B 32 -26.51 -35.81 -30.88
C ALA B 32 -26.26 -36.40 -29.50
N ALA B 33 -25.87 -35.57 -28.52
CA ALA B 33 -25.37 -36.05 -27.20
C ALA B 33 -26.50 -36.01 -26.17
N GLY B 34 -27.56 -35.26 -26.44
CA GLY B 34 -28.61 -34.96 -25.45
C GLY B 34 -28.07 -34.14 -24.28
N GLU B 35 -27.38 -33.06 -24.56
CA GLU B 35 -26.82 -32.18 -23.49
C GLU B 35 -27.10 -30.75 -23.87
N GLU B 36 -27.58 -29.94 -22.93
CA GLU B 36 -27.62 -28.46 -23.08
C GLU B 36 -26.20 -27.94 -23.14
N VAL B 37 -25.99 -26.90 -23.92
CA VAL B 37 -24.67 -26.25 -24.11
C VAL B 37 -24.90 -24.76 -24.12
N ALA B 38 -23.82 -24.01 -24.03
CA ALA B 38 -23.77 -22.58 -24.25
C ALA B 38 -23.07 -22.36 -25.59
N ILE B 39 -23.61 -21.50 -26.42
CA ILE B 39 -23.11 -21.22 -27.78
C ILE B 39 -22.77 -19.73 -27.85
N LYS B 40 -21.50 -19.42 -27.97
CA LYS B 40 -21.03 -18.05 -28.22
C LYS B 40 -21.02 -17.77 -29.73
N LEU B 41 -21.65 -16.68 -30.13
CA LEU B 41 -21.63 -16.15 -31.50
C LEU B 41 -20.81 -14.86 -31.54
N GLU B 42 -20.06 -14.68 -32.63
CA GLU B 42 -19.41 -13.41 -33.03
C GLU B 42 -19.63 -13.21 -34.52
N CYS B 43 -20.11 -12.04 -34.91
CA CYS B 43 -20.30 -11.65 -36.33
CA CYS B 43 -20.29 -11.61 -36.33
C CYS B 43 -18.99 -11.88 -37.11
N VAL B 44 -19.04 -12.67 -38.20
CA VAL B 44 -17.83 -12.99 -39.05
C VAL B 44 -17.17 -11.68 -39.50
N LYS B 45 -17.96 -10.66 -39.75
CA LYS B 45 -17.55 -9.40 -40.43
C LYS B 45 -17.00 -8.40 -39.39
N THR B 46 -17.08 -8.69 -38.11
CA THR B 46 -16.51 -7.84 -37.01
C THR B 46 -15.12 -7.32 -37.43
N LYS B 47 -14.77 -6.10 -37.00
CA LYS B 47 -13.48 -5.45 -37.34
C LYS B 47 -12.33 -6.07 -36.54
N HIS B 48 -12.60 -6.55 -35.31
CA HIS B 48 -11.58 -7.14 -34.40
C HIS B 48 -12.03 -8.54 -33.99
N PRO B 49 -11.81 -9.56 -34.86
CA PRO B 49 -12.25 -10.92 -34.54
C PRO B 49 -11.44 -11.49 -33.37
N GLN B 50 -12.11 -12.04 -32.36
CA GLN B 50 -11.45 -12.54 -31.14
C GLN B 50 -12.03 -13.87 -30.65
N LEU B 51 -13.11 -14.39 -31.25
CA LEU B 51 -13.72 -15.63 -30.73
C LEU B 51 -12.75 -16.78 -30.98
N HIS B 52 -12.13 -16.85 -32.16
CA HIS B 52 -11.19 -17.94 -32.50
C HIS B 52 -9.96 -17.81 -31.59
N ILE B 53 -9.59 -16.62 -31.17
CA ILE B 53 -8.46 -16.43 -30.21
C ILE B 53 -8.89 -16.97 -28.84
N GLU B 54 -10.09 -16.58 -28.38
CA GLU B 54 -10.67 -17.09 -27.11
C GLU B 54 -10.76 -18.61 -27.13
N SER B 55 -11.24 -19.21 -28.22
CA SER B 55 -11.34 -20.68 -28.35
C SER B 55 -9.94 -21.32 -28.22
N LYS B 56 -8.92 -20.72 -28.82
CA LYS B 56 -7.50 -21.19 -28.65
C LYS B 56 -7.13 -21.15 -27.15
N ILE B 57 -7.44 -20.07 -26.45
CA ILE B 57 -7.11 -19.97 -24.99
C ILE B 57 -7.90 -21.03 -24.21
N TYR B 58 -9.19 -21.21 -24.48
CA TYR B 58 -10.01 -22.22 -23.79
C TYR B 58 -9.42 -23.61 -24.06
N LYS B 59 -8.92 -23.87 -25.26
CA LYS B 59 -8.32 -25.19 -25.63
C LYS B 59 -7.04 -25.43 -24.83
N MET B 60 -6.21 -24.41 -24.64
CA MET B 60 -4.95 -24.49 -23.85
C MET B 60 -5.29 -24.74 -22.38
N MET B 61 -6.41 -24.20 -21.90
CA MET B 61 -6.82 -24.23 -20.47
C MET B 61 -7.46 -25.59 -20.14
N GLN B 62 -7.91 -26.36 -21.14
CA GLN B 62 -8.70 -27.61 -20.92
C GLN B 62 -7.91 -28.51 -19.98
N GLY B 63 -8.60 -29.22 -19.11
CA GLY B 63 -7.98 -30.12 -18.12
C GLY B 63 -7.93 -29.50 -16.74
N GLY B 64 -8.07 -28.18 -16.65
CA GLY B 64 -8.14 -27.47 -15.37
C GLY B 64 -9.47 -27.69 -14.69
N VAL B 65 -9.45 -27.89 -13.39
CA VAL B 65 -10.65 -27.79 -12.52
C VAL B 65 -11.30 -26.43 -12.78
N GLY B 66 -12.59 -26.40 -13.07
CA GLY B 66 -13.36 -25.14 -13.15
C GLY B 66 -12.98 -24.33 -14.38
N ILE B 67 -12.40 -24.97 -15.38
CA ILE B 67 -12.31 -24.44 -16.75
C ILE B 67 -13.42 -25.04 -17.61
N PRO B 68 -14.31 -24.23 -18.17
CA PRO B 68 -15.38 -24.73 -19.03
C PRO B 68 -14.81 -25.53 -20.19
N THR B 69 -15.48 -26.63 -20.51
CA THR B 69 -15.13 -27.50 -21.64
C THR B 69 -15.60 -26.85 -22.92
N ILE B 70 -14.73 -26.76 -23.90
CA ILE B 70 -15.10 -26.28 -25.26
C ILE B 70 -15.46 -27.51 -26.08
N ARG B 71 -16.57 -27.50 -26.76
CA ARG B 71 -17.07 -28.71 -27.47
C ARG B 71 -16.84 -28.58 -28.96
N TRP B 72 -16.94 -27.37 -29.50
CA TRP B 72 -16.83 -27.13 -30.95
C TRP B 72 -16.55 -25.66 -31.24
N CYS B 73 -15.72 -25.39 -32.24
CA CYS B 73 -15.53 -24.04 -32.82
CA CYS B 73 -15.54 -24.04 -32.84
C CYS B 73 -15.72 -24.14 -34.34
N GLY B 74 -16.30 -23.13 -34.92
CA GLY B 74 -16.60 -23.13 -36.35
C GLY B 74 -17.32 -21.87 -36.74
N ALA B 75 -17.99 -21.89 -37.86
CA ALA B 75 -18.69 -20.73 -38.40
C ALA B 75 -19.94 -21.23 -39.09
N GLU B 76 -21.02 -20.48 -38.94
CA GLU B 76 -22.33 -20.81 -39.50
C GLU B 76 -22.97 -19.49 -39.87
N GLY B 77 -23.37 -19.31 -41.12
CA GLY B 77 -24.09 -18.11 -41.56
C GLY B 77 -23.25 -16.89 -41.27
N ASP B 78 -23.79 -15.96 -40.52
CA ASP B 78 -23.15 -14.64 -40.29
C ASP B 78 -22.23 -14.69 -39.07
N TYR B 79 -21.93 -15.88 -38.51
CA TYR B 79 -21.36 -16.01 -37.15
C TYR B 79 -20.19 -16.97 -37.12
N ASN B 80 -19.15 -16.57 -36.41
CA ASN B 80 -18.20 -17.47 -35.73
C ASN B 80 -18.90 -18.03 -34.53
N VAL B 81 -18.55 -19.25 -34.17
CA VAL B 81 -19.31 -20.08 -33.21
C VAL B 81 -18.33 -20.76 -32.27
N MET B 82 -18.62 -20.70 -31.00
CA MET B 82 -17.87 -21.48 -29.98
C MET B 82 -18.88 -22.13 -29.07
N VAL B 83 -18.91 -23.43 -29.04
CA VAL B 83 -19.86 -24.18 -28.19
C VAL B 83 -19.13 -24.63 -26.94
N MET B 84 -19.70 -24.34 -25.76
CA MET B 84 -19.13 -24.75 -24.47
CA MET B 84 -19.13 -24.75 -24.45
C MET B 84 -20.18 -25.52 -23.68
N GLU B 85 -19.73 -26.20 -22.64
CA GLU B 85 -20.62 -26.84 -21.67
C GLU B 85 -21.42 -25.71 -21.05
N LEU B 86 -22.67 -25.98 -20.76
CA LEU B 86 -23.54 -25.06 -20.02
C LEU B 86 -23.15 -25.08 -18.54
N LEU B 87 -22.92 -23.91 -18.01
CA LEU B 87 -22.61 -23.68 -16.58
C LEU B 87 -23.82 -23.05 -15.93
N GLY B 88 -23.77 -22.90 -14.62
CA GLY B 88 -24.87 -22.34 -13.84
C GLY B 88 -24.77 -20.83 -13.72
N PRO B 89 -25.51 -20.24 -12.76
CA PRO B 89 -25.52 -18.80 -12.58
C PRO B 89 -24.11 -18.31 -12.14
N SER B 90 -23.82 -17.05 -12.41
CA SER B 90 -22.61 -16.34 -11.94
C SER B 90 -22.67 -16.13 -10.43
N LEU B 91 -21.55 -15.73 -9.84
CA LEU B 91 -21.53 -15.38 -8.41
C LEU B 91 -22.34 -14.09 -8.20
N GLU B 92 -22.38 -13.19 -9.20
CA GLU B 92 -23.23 -11.96 -9.11
C GLU B 92 -24.68 -12.41 -9.07
N ASP B 93 -25.06 -13.32 -9.96
CA ASP B 93 -26.46 -13.81 -10.01
C ASP B 93 -26.79 -14.39 -8.65
N LEU B 94 -25.94 -15.24 -8.11
CA LEU B 94 -26.23 -15.93 -6.84
C LEU B 94 -26.22 -14.92 -5.69
N PHE B 95 -25.32 -13.93 -5.74
CA PHE B 95 -25.30 -12.88 -4.70
C PHE B 95 -26.68 -12.20 -4.70
N ASN B 96 -27.19 -11.83 -5.88
CA ASN B 96 -28.54 -11.19 -6.01
C ASN B 96 -29.62 -12.15 -5.49
N PHE B 97 -29.53 -13.42 -5.84
CA PHE B 97 -30.54 -14.43 -5.44
C PHE B 97 -30.55 -14.56 -3.92
N CYS B 98 -29.40 -14.33 -3.27
CA CYS B 98 -29.22 -14.45 -1.80
C CYS B 98 -29.38 -13.07 -1.12
N SER B 99 -30.05 -12.12 -1.77
CA SER B 99 -30.35 -10.78 -1.20
C SER B 99 -29.05 -10.03 -0.89
N ARG B 100 -28.02 -10.25 -1.68
CA ARG B 100 -26.74 -9.47 -1.66
C ARG B 100 -26.07 -9.59 -0.28
N LYS B 101 -26.22 -10.77 0.35
CA LYS B 101 -25.50 -11.16 1.59
C LYS B 101 -25.03 -12.61 1.45
N PHE B 102 -23.74 -12.85 1.58
CA PHE B 102 -23.15 -14.20 1.76
C PHE B 102 -22.69 -14.35 3.21
N SER B 103 -22.84 -15.53 3.78
CA SER B 103 -22.21 -15.93 5.04
C SER B 103 -20.68 -15.93 4.88
N LEU B 104 -19.97 -15.74 5.97
CA LEU B 104 -18.50 -15.81 5.98
C LEU B 104 -18.07 -17.17 5.39
N LYS B 105 -18.77 -18.24 5.70
CA LYS B 105 -18.39 -19.59 5.23
C LYS B 105 -18.44 -19.64 3.68
N THR B 106 -19.48 -19.08 3.08
CA THR B 106 -19.63 -19.06 1.59
C THR B 106 -18.50 -18.21 0.99
N VAL B 107 -18.18 -17.08 1.60
CA VAL B 107 -17.12 -16.19 1.08
C VAL B 107 -15.80 -16.96 1.11
N LEU B 108 -15.56 -17.74 2.14
CA LEU B 108 -14.28 -18.48 2.30
C LEU B 108 -14.25 -19.68 1.36
N LEU B 109 -15.37 -20.36 1.18
CA LEU B 109 -15.46 -21.45 0.21
C LEU B 109 -15.14 -20.90 -1.17
N LEU B 110 -15.72 -19.77 -1.52
CA LEU B 110 -15.52 -19.15 -2.85
C LEU B 110 -14.05 -18.71 -2.97
N ALA B 111 -13.49 -18.08 -1.93
CA ALA B 111 -12.11 -17.54 -2.00
C ALA B 111 -11.17 -18.68 -2.32
N ASP B 112 -11.34 -19.82 -1.67
CA ASP B 112 -10.42 -20.96 -1.82
C ASP B 112 -10.37 -21.37 -3.29
N GLN B 113 -11.54 -21.56 -3.93
CA GLN B 113 -11.60 -22.01 -5.32
C GLN B 113 -11.09 -20.91 -6.25
N MET B 114 -11.47 -19.66 -6.00
CA MET B 114 -11.16 -18.56 -6.93
C MET B 114 -9.65 -18.28 -6.94
N ILE B 115 -8.96 -18.40 -5.79
CA ILE B 115 -7.49 -18.26 -5.78
C ILE B 115 -6.91 -19.39 -6.66
N SER B 116 -7.45 -20.59 -6.56
CA SER B 116 -6.97 -21.76 -7.33
C SER B 116 -7.23 -21.57 -8.83
N ARG B 117 -8.38 -21.02 -9.21
CA ARG B 117 -8.69 -20.82 -10.64
C ARG B 117 -7.61 -19.87 -11.19
N ILE B 118 -7.37 -18.76 -10.49
CA ILE B 118 -6.43 -17.73 -10.97
C ILE B 118 -5.04 -18.34 -11.02
N GLU B 119 -4.64 -19.10 -10.04
CA GLU B 119 -3.34 -19.79 -10.05
C GLU B 119 -3.25 -20.66 -11.30
N TYR B 120 -4.28 -21.43 -11.57
CA TYR B 120 -4.27 -22.34 -12.75
C TYR B 120 -4.00 -21.52 -14.00
N ILE B 121 -4.75 -20.45 -14.19
CA ILE B 121 -4.61 -19.61 -15.39
C ILE B 121 -3.18 -19.08 -15.47
N HIS B 122 -2.63 -18.61 -14.33
CA HIS B 122 -1.24 -18.08 -14.26
C HIS B 122 -0.26 -19.21 -14.64
N SER B 123 -0.56 -20.45 -14.25
CA SER B 123 0.33 -21.62 -14.52
C SER B 123 0.38 -21.86 -16.03
N LYS B 124 -0.64 -21.44 -16.77
CA LYS B 124 -0.71 -21.59 -18.24
C LYS B 124 -0.20 -20.32 -18.92
N ASN B 125 0.44 -19.42 -18.18
CA ASN B 125 1.19 -18.28 -18.71
C ASN B 125 0.25 -17.13 -19.07
N PHE B 126 -0.97 -17.13 -18.58
CA PHE B 126 -1.95 -16.07 -18.86
C PHE B 126 -2.31 -15.35 -17.56
N ILE B 127 -2.65 -14.07 -17.68
CA ILE B 127 -3.42 -13.30 -16.67
C ILE B 127 -4.78 -13.06 -17.26
N HIS B 128 -5.79 -13.03 -16.43
CA HIS B 128 -7.20 -12.95 -16.82
C HIS B 128 -7.57 -11.50 -17.13
N ARG B 129 -7.25 -10.61 -16.20
CA ARG B 129 -7.43 -9.14 -16.36
C ARG B 129 -8.90 -8.74 -16.28
N ASP B 130 -9.84 -9.65 -15.95
CA ASP B 130 -11.27 -9.23 -15.79
C ASP B 130 -11.91 -10.02 -14.66
N VAL B 131 -11.25 -10.02 -13.51
CA VAL B 131 -11.68 -10.73 -12.31
C VAL B 131 -12.82 -9.95 -11.66
N LYS B 132 -14.00 -10.53 -11.68
CA LYS B 132 -15.25 -9.92 -11.20
C LYS B 132 -16.29 -11.01 -10.98
N PRO B 133 -17.30 -10.76 -10.14
CA PRO B 133 -18.25 -11.81 -9.78
C PRO B 133 -19.02 -12.36 -11.00
N ASP B 134 -19.18 -11.53 -12.02
CA ASP B 134 -19.85 -11.88 -13.30
C ASP B 134 -19.05 -12.94 -14.06
N ASN B 135 -17.75 -13.07 -13.80
CA ASN B 135 -16.89 -13.96 -14.62
C ASN B 135 -16.54 -15.23 -13.84
N PHE B 136 -17.28 -15.52 -12.79
CA PHE B 136 -17.24 -16.81 -12.07
C PHE B 136 -18.65 -17.40 -12.02
N LEU B 137 -18.80 -18.61 -12.48
CA LEU B 137 -20.09 -19.32 -12.63
C LEU B 137 -19.99 -20.61 -11.82
N MET B 138 -21.04 -20.99 -11.12
CA MET B 138 -21.09 -22.32 -10.51
C MET B 138 -21.36 -23.35 -11.62
N GLY B 139 -20.80 -24.55 -11.51
CA GLY B 139 -21.18 -25.70 -12.36
C GLY B 139 -22.63 -26.09 -12.11
N LEU B 140 -23.12 -27.01 -12.92
CA LEU B 140 -24.45 -27.67 -12.81
C LEU B 140 -24.22 -29.13 -12.50
N GLY B 141 -25.23 -29.81 -11.93
CA GLY B 141 -25.24 -31.27 -11.77
C GLY B 141 -24.15 -31.73 -10.84
N LYS B 142 -23.34 -32.69 -11.26
CA LYS B 142 -22.25 -33.27 -10.46
C LYS B 142 -21.14 -32.22 -10.25
N LYS B 143 -21.13 -31.13 -10.99
CA LYS B 143 -20.12 -30.05 -10.82
C LYS B 143 -20.76 -28.81 -10.18
N GLY B 144 -21.90 -29.01 -9.52
CA GLY B 144 -22.63 -27.93 -8.84
C GLY B 144 -21.80 -27.23 -7.73
N ASN B 145 -20.77 -27.89 -7.21
CA ASN B 145 -19.96 -27.39 -6.07
C ASN B 145 -18.71 -26.65 -6.57
N LEU B 146 -18.46 -26.66 -7.88
CA LEU B 146 -17.25 -26.05 -8.48
C LEU B 146 -17.57 -24.65 -8.99
N VAL B 147 -16.72 -23.69 -8.65
CA VAL B 147 -16.62 -22.35 -9.27
C VAL B 147 -15.82 -22.48 -10.56
N TYR B 148 -16.40 -22.05 -11.67
CA TYR B 148 -15.70 -21.97 -12.98
C TYR B 148 -15.33 -20.53 -13.22
N ILE B 149 -14.24 -20.32 -13.93
CA ILE B 149 -13.90 -18.96 -14.42
C ILE B 149 -14.15 -18.93 -15.92
N ILE B 150 -14.71 -17.84 -16.39
CA ILE B 150 -15.08 -17.62 -17.79
C ILE B 150 -14.51 -16.27 -18.26
N ASP B 151 -14.84 -15.90 -19.50
CA ASP B 151 -14.52 -14.60 -20.14
C ASP B 151 -13.00 -14.44 -20.21
N PHE B 152 -12.38 -15.06 -21.19
CA PHE B 152 -10.95 -14.89 -21.54
C PHE B 152 -10.78 -13.88 -22.67
N GLY B 153 -11.77 -13.03 -22.86
CA GLY B 153 -11.75 -11.96 -23.87
C GLY B 153 -10.63 -10.96 -23.65
N LEU B 154 -10.20 -10.74 -22.40
CA LEU B 154 -9.16 -9.72 -22.04
C LEU B 154 -7.86 -10.43 -21.60
N ALA B 155 -7.83 -11.76 -21.62
CA ALA B 155 -6.67 -12.55 -21.12
C ALA B 155 -5.47 -12.27 -22.02
N LYS B 156 -4.28 -12.41 -21.48
CA LYS B 156 -3.04 -12.10 -22.23
C LYS B 156 -1.92 -12.90 -21.59
N LYS B 157 -0.95 -13.33 -22.41
CA LYS B 157 0.32 -13.94 -21.92
C LYS B 157 1.10 -12.88 -21.13
N TYR B 158 1.67 -13.31 -20.03
CA TYR B 158 2.49 -12.46 -19.14
C TYR B 158 3.92 -13.02 -19.13
N ARG B 159 4.13 -14.18 -19.74
CA ARG B 159 5.48 -14.75 -19.97
C ARG B 159 5.43 -15.65 -21.21
N ASP B 160 6.58 -15.80 -21.91
CA ASP B 160 6.68 -16.40 -23.27
C ASP B 160 5.98 -17.78 -23.28
N GLN B 165 10.12 -15.94 -18.70
CA GLN B 165 10.36 -14.73 -19.55
C GLN B 165 9.17 -13.74 -19.41
N HIS B 166 9.14 -12.92 -18.36
CA HIS B 166 8.00 -12.05 -17.98
C HIS B 166 7.87 -10.92 -19.03
N ILE B 167 6.66 -10.54 -19.42
CA ILE B 167 6.40 -9.31 -20.25
C ILE B 167 7.07 -8.13 -19.57
N PRO B 168 7.44 -7.08 -20.33
CA PRO B 168 8.09 -5.90 -19.76
C PRO B 168 7.10 -5.07 -18.91
N TYR B 169 7.63 -4.39 -17.91
CA TYR B 169 6.96 -3.27 -17.21
C TYR B 169 6.60 -2.19 -18.22
N ARG B 170 5.42 -1.62 -18.08
CA ARG B 170 4.95 -0.47 -18.89
C ARG B 170 4.01 0.31 -18.03
N GLU B 171 3.99 1.64 -18.18
CA GLU B 171 3.31 2.58 -17.23
C GLU B 171 2.38 3.50 -17.99
N ASN B 172 2.00 3.11 -19.22
CA ASN B 172 1.36 4.01 -20.21
C ASN B 172 0.03 3.37 -20.70
N LYS B 173 -0.37 2.23 -20.10
CA LYS B 173 -1.59 1.46 -20.48
C LYS B 173 -2.84 2.30 -20.14
N ASN B 174 -3.89 2.19 -20.96
CA ASN B 174 -5.27 2.65 -20.63
C ASN B 174 -6.03 1.50 -19.99
N LEU B 175 -7.07 1.81 -19.23
CA LEU B 175 -7.71 0.85 -18.30
C LEU B 175 -8.28 -0.32 -19.11
N THR B 176 -7.84 -1.54 -18.77
CA THR B 176 -8.40 -2.82 -19.25
C THR B 176 -9.09 -3.52 -18.08
N GLY B 177 -10.31 -3.97 -18.30
CA GLY B 177 -11.07 -4.75 -17.32
C GLY B 177 -12.27 -3.96 -16.88
N THR B 178 -12.64 -4.12 -15.62
CA THR B 178 -13.80 -3.47 -15.00
C THR B 178 -13.30 -2.53 -13.90
N ALA B 179 -13.69 -1.27 -13.99
CA ALA B 179 -13.26 -0.20 -13.08
C ALA B 179 -13.48 -0.62 -11.61
N ARG B 180 -14.68 -1.10 -11.27
CA ARG B 180 -15.03 -1.36 -9.86
C ARG B 180 -13.99 -2.29 -9.18
N TYR B 181 -13.44 -3.26 -9.90
CA TYR B 181 -12.61 -4.35 -9.34
C TYR B 181 -11.14 -4.21 -9.74
N ALA B 182 -10.81 -3.21 -10.56
CA ALA B 182 -9.44 -2.99 -11.09
C ALA B 182 -8.50 -2.73 -9.93
N SER B 183 -7.29 -3.24 -10.06
CA SER B 183 -6.18 -2.98 -9.13
C SER B 183 -5.83 -1.48 -9.17
N ILE B 184 -5.21 -0.98 -8.12
CA ILE B 184 -4.71 0.41 -8.08
C ILE B 184 -3.67 0.59 -9.19
N ASN B 185 -2.81 -0.42 -9.41
CA ASN B 185 -1.79 -0.36 -10.47
C ASN B 185 -2.48 -0.13 -11.81
N THR B 186 -3.58 -0.84 -12.07
CA THR B 186 -4.32 -0.74 -13.36
C THR B 186 -4.83 0.71 -13.54
N HIS B 187 -5.37 1.30 -12.47
CA HIS B 187 -5.86 2.69 -12.46
C HIS B 187 -4.68 3.64 -12.76
N LEU B 188 -3.48 3.30 -12.34
CA LEU B 188 -2.29 4.17 -12.55
C LEU B 188 -1.71 3.96 -13.95
N GLY B 189 -2.25 3.04 -14.74
CA GLY B 189 -1.85 2.80 -16.14
C GLY B 189 -0.69 1.84 -16.22
N ILE B 190 -0.41 1.11 -15.14
CA ILE B 190 0.65 0.06 -15.12
C ILE B 190 0.11 -1.22 -15.77
N GLU B 191 0.96 -1.88 -16.53
CA GLU B 191 0.72 -3.19 -17.18
C GLU B 191 0.25 -4.18 -16.12
N GLN B 192 -0.80 -4.92 -16.41
CA GLN B 192 -1.35 -5.92 -15.45
C GLN B 192 -0.43 -7.14 -15.45
N SER B 193 -0.19 -7.69 -14.28
CA SER B 193 0.56 -8.95 -14.09
C SER B 193 -0.24 -9.83 -13.12
N ARG B 194 0.36 -10.89 -12.62
CA ARG B 194 -0.29 -11.89 -11.75
C ARG B 194 -0.91 -11.20 -10.52
N ARG B 195 -0.21 -10.24 -9.92
CA ARG B 195 -0.63 -9.56 -8.66
C ARG B 195 -2.01 -8.93 -8.84
N ASP B 196 -2.30 -8.41 -10.03
CA ASP B 196 -3.48 -7.58 -10.35
C ASP B 196 -4.73 -8.46 -10.37
N ASP B 197 -4.63 -9.66 -10.90
CA ASP B 197 -5.74 -10.64 -10.84
C ASP B 197 -6.09 -10.90 -9.35
N LEU B 198 -5.09 -11.11 -8.51
CA LEU B 198 -5.31 -11.46 -7.08
C LEU B 198 -5.80 -10.23 -6.33
N GLU B 199 -5.32 -9.06 -6.65
CA GLU B 199 -5.82 -7.83 -5.98
C GLU B 199 -7.30 -7.68 -6.31
N SER B 200 -7.66 -7.85 -7.57
CA SER B 200 -9.06 -7.75 -8.02
C SER B 200 -9.96 -8.73 -7.20
N LEU B 201 -9.50 -9.95 -7.01
CA LEU B 201 -10.24 -10.97 -6.25
C LEU B 201 -10.42 -10.49 -4.82
N GLY B 202 -9.38 -9.87 -4.26
CA GLY B 202 -9.47 -9.26 -2.94
C GLY B 202 -10.66 -8.30 -2.85
N TYR B 203 -10.87 -7.49 -3.88
CA TYR B 203 -11.99 -6.54 -3.89
C TYR B 203 -13.30 -7.31 -4.10
N VAL B 204 -13.29 -8.34 -4.91
CA VAL B 204 -14.52 -9.19 -5.11
C VAL B 204 -14.97 -9.72 -3.75
N LEU B 205 -14.01 -10.20 -2.93
CA LEU B 205 -14.29 -10.83 -1.64
C LEU B 205 -14.85 -9.81 -0.68
N MET B 206 -14.31 -8.61 -0.65
CA MET B 206 -14.83 -7.55 0.24
C MET B 206 -16.17 -7.02 -0.30
N TYR B 207 -16.38 -7.07 -1.59
CA TYR B 207 -17.69 -6.76 -2.22
C TYR B 207 -18.76 -7.75 -1.70
N PHE B 208 -18.46 -9.03 -1.67
CA PHE B 208 -19.37 -10.06 -1.11
C PHE B 208 -19.64 -9.79 0.38
N ASN B 209 -18.61 -9.41 1.14
CA ASN B 209 -18.72 -9.11 2.58
C ASN B 209 -19.63 -7.90 2.78
N LEU B 210 -19.47 -6.85 1.98
CA LEU B 210 -20.09 -5.52 2.24
C LEU B 210 -21.43 -5.36 1.52
N GLY B 211 -21.60 -6.01 0.37
CA GLY B 211 -22.76 -5.81 -0.53
C GLY B 211 -22.49 -4.73 -1.56
N SER B 212 -21.45 -3.95 -1.36
CA SER B 212 -21.03 -2.89 -2.29
C SER B 212 -19.67 -2.37 -1.84
N LEU B 213 -18.93 -1.76 -2.74
CA LEU B 213 -17.60 -1.20 -2.43
C LEU B 213 -17.75 0.30 -2.31
N PRO B 214 -16.88 0.99 -1.53
CA PRO B 214 -17.07 2.40 -1.24
C PRO B 214 -16.89 3.30 -2.46
N TRP B 215 -16.40 2.76 -3.56
CA TRP B 215 -16.14 3.52 -4.80
C TRP B 215 -17.18 3.20 -5.87
N GLN B 216 -18.28 2.53 -5.50
CA GLN B 216 -19.48 2.34 -6.37
C GLN B 216 -20.34 3.61 -6.40
N GLY B 217 -21.08 3.81 -7.48
CA GLY B 217 -22.08 4.91 -7.57
C GLY B 217 -21.47 6.29 -7.41
N LEU B 218 -20.25 6.51 -7.87
CA LEU B 218 -19.65 7.87 -7.89
C LEU B 218 -20.14 8.60 -9.15
N LYS B 219 -20.84 9.72 -8.97
CA LYS B 219 -21.36 10.58 -10.08
C LYS B 219 -20.17 11.21 -10.82
N ALA B 220 -20.17 11.12 -12.15
CA ALA B 220 -19.36 11.94 -13.07
C ALA B 220 -20.06 12.05 -14.44
N ALA B 221 -19.63 13.00 -15.28
CA ALA B 221 -20.26 13.30 -16.59
C ALA B 221 -19.60 12.44 -17.69
N THR B 222 -18.38 11.96 -17.44
CA THR B 222 -17.52 11.25 -18.43
C THR B 222 -17.05 9.92 -17.85
N LYS B 223 -16.85 8.92 -18.71
CA LYS B 223 -16.20 7.63 -18.34
C LYS B 223 -14.83 7.94 -17.72
N ARG B 224 -13.98 8.70 -18.44
CA ARG B 224 -12.67 9.21 -17.93
C ARG B 224 -12.84 9.69 -16.49
N GLN B 225 -13.78 10.61 -16.27
CA GLN B 225 -13.98 11.26 -14.95
C GLN B 225 -14.42 10.20 -13.93
N LYS B 226 -15.32 9.32 -14.33
CA LYS B 226 -15.79 8.23 -13.47
C LYS B 226 -14.58 7.38 -13.04
N TYR B 227 -13.72 6.98 -13.97
CA TYR B 227 -12.55 6.12 -13.70
C TYR B 227 -11.61 6.82 -12.72
N GLU B 228 -11.41 8.12 -12.91
CA GLU B 228 -10.51 8.94 -12.05
C GLU B 228 -11.07 9.00 -10.62
N ARG B 229 -12.37 9.23 -10.48
CA ARG B 229 -13.09 9.22 -9.18
C ARG B 229 -12.92 7.84 -8.51
N ILE B 230 -13.15 6.75 -9.25
CA ILE B 230 -12.98 5.40 -8.70
C ILE B 230 -11.52 5.27 -8.23
N SER B 231 -10.58 5.65 -9.07
CA SER B 231 -9.14 5.57 -8.79
C SER B 231 -8.82 6.32 -7.49
N GLU B 232 -9.33 7.53 -7.35
CA GLU B 232 -9.03 8.44 -6.21
C GLU B 232 -9.60 7.81 -4.95
N LYS B 233 -10.84 7.34 -5.03
CA LYS B 233 -11.53 6.74 -3.88
C LYS B 233 -10.77 5.48 -3.43
N LYS B 234 -10.38 4.62 -4.35
CA LYS B 234 -9.62 3.39 -4.03
C LYS B 234 -8.29 3.74 -3.36
N MET B 235 -7.61 4.74 -3.87
CA MET B 235 -6.25 5.11 -3.41
C MET B 235 -6.34 5.80 -2.07
N SER B 236 -7.49 6.39 -1.74
CA SER B 236 -7.67 7.16 -0.48
C SER B 236 -8.49 6.34 0.55
N THR B 237 -8.78 5.09 0.26
CA THR B 237 -9.46 4.16 1.21
C THR B 237 -8.45 3.15 1.74
N PRO B 238 -7.95 3.34 2.97
CA PRO B 238 -7.03 2.39 3.56
C PRO B 238 -7.68 1.02 3.57
N ILE B 239 -6.87 -0.01 3.40
CA ILE B 239 -7.34 -1.41 3.43
CA ILE B 239 -7.34 -1.41 3.43
C ILE B 239 -8.01 -1.66 4.78
N GLU B 240 -7.46 -1.14 5.88
CA GLU B 240 -8.05 -1.40 7.23
C GLU B 240 -9.44 -0.71 7.33
N VAL B 241 -9.71 0.35 6.57
CA VAL B 241 -11.06 1.00 6.56
C VAL B 241 -12.00 0.16 5.68
N LEU B 242 -11.56 -0.28 4.52
CA LEU B 242 -12.36 -1.12 3.60
C LEU B 242 -12.84 -2.37 4.35
N CYS B 243 -11.98 -2.96 5.13
CA CYS B 243 -12.09 -4.30 5.75
C CYS B 243 -12.51 -4.18 7.22
N LYS B 244 -12.82 -2.96 7.68
CA LYS B 244 -13.30 -2.69 9.04
C LYS B 244 -14.51 -3.58 9.35
N GLY B 245 -14.43 -4.34 10.44
CA GLY B 245 -15.53 -5.17 10.97
C GLY B 245 -15.48 -6.58 10.43
N TYR B 246 -14.51 -6.89 9.56
CA TYR B 246 -14.39 -8.20 8.91
C TYR B 246 -13.10 -8.84 9.35
N PRO B 247 -13.01 -10.19 9.34
CA PRO B 247 -11.79 -10.85 9.77
C PRO B 247 -10.55 -10.24 9.10
N SER B 248 -9.47 -10.13 9.85
CA SER B 248 -8.24 -9.46 9.45
C SER B 248 -7.67 -10.11 8.18
N GLU B 249 -8.01 -11.39 7.92
CA GLU B 249 -7.45 -12.12 6.75
C GLU B 249 -7.75 -11.38 5.45
N PHE B 250 -8.87 -10.68 5.35
CA PHE B 250 -9.26 -9.99 4.11
C PHE B 250 -8.28 -8.81 3.84
N ALA B 251 -7.84 -8.16 4.91
CA ALA B 251 -6.93 -6.99 4.90
C ALA B 251 -5.51 -7.52 4.65
N THR B 252 -5.13 -8.59 5.34
CA THR B 252 -3.84 -9.29 5.14
C THR B 252 -3.73 -9.69 3.67
N TYR B 253 -4.78 -10.26 3.10
CA TYR B 253 -4.80 -10.68 1.67
C TYR B 253 -4.55 -9.48 0.78
N LEU B 254 -5.29 -8.40 0.98
CA LEU B 254 -5.17 -7.22 0.09
C LEU B 254 -3.78 -6.59 0.28
N ASN B 255 -3.25 -6.50 1.50
CA ASN B 255 -1.91 -5.93 1.78
C ASN B 255 -0.83 -6.77 1.07
N PHE B 256 -0.96 -8.07 1.09
CA PHE B 256 -0.02 -8.99 0.41
C PHE B 256 -0.04 -8.72 -1.08
N CYS B 257 -1.21 -8.71 -1.71
CA CYS B 257 -1.31 -8.46 -3.18
C CYS B 257 -0.70 -7.09 -3.53
N ARG B 258 -0.99 -6.05 -2.76
CA ARG B 258 -0.54 -4.66 -3.04
CA ARG B 258 -0.53 -4.67 -3.06
C ARG B 258 0.99 -4.57 -2.84
N SER B 259 1.57 -5.50 -2.12
CA SER B 259 3.02 -5.54 -1.86
C SER B 259 3.79 -6.26 -2.97
N LEU B 260 3.11 -7.07 -3.79
CA LEU B 260 3.80 -7.90 -4.84
C LEU B 260 4.51 -7.00 -5.83
N ARG B 261 5.72 -7.34 -6.22
CA ARG B 261 6.41 -6.68 -7.35
C ARG B 261 5.78 -7.10 -8.68
N PHE B 262 5.98 -6.28 -9.70
CA PHE B 262 5.42 -6.50 -11.04
C PHE B 262 5.59 -7.98 -11.46
N ASP B 263 6.79 -8.55 -11.30
CA ASP B 263 7.10 -9.89 -11.88
C ASP B 263 7.13 -10.96 -10.77
N ASP B 264 6.74 -10.64 -9.55
CA ASP B 264 6.72 -11.63 -8.44
C ASP B 264 5.71 -12.74 -8.81
N LYS B 265 6.07 -13.98 -8.58
CA LYS B 265 5.13 -15.11 -8.45
C LYS B 265 4.43 -15.00 -7.10
N PRO B 266 3.11 -14.80 -7.08
CA PRO B 266 2.38 -14.78 -5.83
C PRO B 266 2.56 -16.09 -5.04
N ASP B 267 2.54 -15.99 -3.72
CA ASP B 267 2.42 -17.16 -2.83
C ASP B 267 0.94 -17.56 -2.73
N TYR B 268 0.41 -18.20 -3.77
CA TYR B 268 -1.00 -18.65 -3.84
C TYR B 268 -1.33 -19.49 -2.60
N SER B 269 -0.39 -20.34 -2.22
CA SER B 269 -0.57 -21.32 -1.14
C SER B 269 -0.67 -20.60 0.21
N TYR B 270 0.11 -19.54 0.39
CA TYR B 270 0.00 -18.67 1.57
C TYR B 270 -1.39 -18.05 1.63
N LEU B 271 -1.85 -17.49 0.53
CA LEU B 271 -3.15 -16.78 0.45
C LEU B 271 -4.29 -17.79 0.76
N ARG B 272 -4.25 -18.99 0.20
CA ARG B 272 -5.31 -20.03 0.50
C ARG B 272 -5.22 -20.41 1.97
N GLN B 273 -4.00 -20.52 2.51
CA GLN B 273 -3.80 -20.96 3.90
C GLN B 273 -4.35 -19.86 4.85
N LEU B 274 -4.26 -18.60 4.49
CA LEU B 274 -4.87 -17.51 5.32
C LEU B 274 -6.33 -17.84 5.58
N PHE B 275 -7.08 -18.04 4.50
CA PHE B 275 -8.55 -18.21 4.54
C PHE B 275 -8.86 -19.55 5.18
N ARG B 276 -8.05 -20.57 4.91
CA ARG B 276 -8.23 -21.94 5.44
C ARG B 276 -8.01 -21.93 6.95
N ASN B 277 -7.03 -21.18 7.46
CA ASN B 277 -6.83 -21.04 8.92
C ASN B 277 -8.05 -20.39 9.55
N LEU B 278 -8.55 -19.32 8.95
CA LEU B 278 -9.78 -18.65 9.43
C LEU B 278 -10.98 -19.63 9.39
N PHE B 279 -11.16 -20.32 8.29
CA PHE B 279 -12.25 -21.33 8.12
C PHE B 279 -12.24 -22.29 9.32
N HIS B 280 -11.05 -22.82 9.65
CA HIS B 280 -10.81 -23.80 10.73
C HIS B 280 -11.11 -23.18 12.11
N ARG B 281 -10.61 -21.96 12.34
CA ARG B 281 -10.86 -21.23 13.62
CA ARG B 281 -10.86 -21.22 13.60
C ARG B 281 -12.37 -20.98 13.78
N GLN B 282 -13.09 -20.77 12.69
CA GLN B 282 -14.55 -20.48 12.71
C GLN B 282 -15.33 -21.77 12.97
N GLY B 283 -14.66 -22.92 12.88
CA GLY B 283 -15.30 -24.24 13.07
C GLY B 283 -16.16 -24.64 11.88
N PHE B 284 -15.95 -24.08 10.70
CA PHE B 284 -16.74 -24.43 9.48
C PHE B 284 -16.31 -25.80 8.94
N SER B 285 -17.18 -26.52 8.24
CA SER B 285 -16.78 -27.78 7.58
C SER B 285 -16.75 -27.58 6.06
N TYR B 286 -15.71 -28.11 5.43
CA TYR B 286 -15.50 -28.04 3.98
C TYR B 286 -16.44 -29.04 3.30
N ASP B 287 -17.73 -28.71 3.19
CA ASP B 287 -18.80 -29.65 2.74
C ASP B 287 -19.41 -29.13 1.44
N TYR B 288 -18.85 -28.06 0.88
CA TYR B 288 -19.38 -27.31 -0.29
C TYR B 288 -20.88 -26.96 -0.14
N VAL B 289 -21.36 -26.70 1.06
CA VAL B 289 -22.74 -26.18 1.26
C VAL B 289 -22.63 -24.67 1.28
N PHE B 290 -22.94 -24.03 0.16
CA PHE B 290 -23.03 -22.57 0.03
C PHE B 290 -24.41 -22.11 0.49
N ASP B 291 -24.53 -20.84 0.84
CA ASP B 291 -25.82 -20.25 1.27
C ASP B 291 -26.94 -20.65 0.32
N TRP B 292 -26.76 -20.57 -1.00
CA TRP B 292 -27.85 -20.86 -1.97
C TRP B 292 -28.32 -22.34 -1.89
N ASN B 293 -27.47 -23.25 -1.43
CA ASN B 293 -27.78 -24.69 -1.26
C ASN B 293 -28.79 -24.89 -0.11
N MET B 294 -28.96 -23.88 0.73
CA MET B 294 -29.82 -23.96 1.93
C MET B 294 -31.26 -23.60 1.59
N LEU B 295 -31.49 -22.97 0.44
CA LEU B 295 -32.82 -22.44 0.05
C LEU B 295 -33.77 -23.63 -0.14
N LYS B 296 -34.92 -23.60 0.50
CA LYS B 296 -35.89 -24.74 0.43
C LYS B 296 -36.99 -24.42 -0.57
N TYR C 1 1.60 31.94 -5.64
CA TYR C 1 3.02 31.52 -5.49
C TYR C 1 3.24 30.92 -4.10
N THR C 2 3.92 29.78 -4.05
CA THR C 2 4.43 29.11 -2.82
C THR C 2 5.96 29.03 -2.87
N PRO C 3 6.71 29.39 -1.79
CA PRO C 3 8.16 29.21 -1.77
C PRO C 3 8.53 27.71 -1.81
N SER C 5 10.62 26.13 -0.33
CA SER C 5 10.83 25.61 1.01
C SER C 5 9.51 25.11 1.66
N ALA C 6 8.37 25.20 0.98
CA ALA C 6 7.07 24.72 1.51
C ALA C 6 7.11 23.21 1.76
N THR C 8 9.74 21.46 2.81
CA THR C 8 10.70 21.02 3.82
C THR C 8 10.51 21.74 5.15
N VAL C 9 9.62 22.72 5.23
CA VAL C 9 9.30 23.40 6.52
C VAL C 9 8.35 22.51 7.35
N SER C 10 8.65 22.33 8.63
CA SER C 10 7.76 21.70 9.65
C SER C 10 6.48 22.50 9.79
N VAL C 11 5.33 21.85 9.75
CA VAL C 11 3.98 22.49 9.76
CA VAL C 11 4.03 22.56 9.85
C VAL C 11 3.18 21.88 10.92
N GLY C 12 2.29 22.66 11.54
CA GLY C 12 1.40 22.23 12.63
C GLY C 12 2.00 22.55 13.98
N SER C 13 1.46 21.94 15.04
CA SER C 13 2.01 21.92 16.42
C SER C 13 1.55 20.63 17.11
N SER C 14 1.89 20.45 18.41
CA SER C 14 1.42 19.32 19.27
C SER C 14 -0.13 19.24 19.23
N GLU C 15 -0.77 20.36 18.86
CA GLU C 15 -2.23 20.51 18.55
C GLU C 15 -3.01 20.59 19.85
N PRO D 3 -26.50 2.84 -18.54
CA PRO D 3 -25.76 4.11 -18.81
C PRO D 3 -24.78 4.54 -17.71
N SER D 5 -23.72 2.26 -15.65
CA SER D 5 -22.97 1.02 -15.50
C SER D 5 -21.59 1.11 -16.20
N ALA D 6 -21.05 2.32 -16.38
CA ALA D 6 -19.68 2.57 -16.85
C ALA D 6 -18.67 1.95 -15.86
N THR D 8 -19.03 -1.01 -14.31
CA THR D 8 -19.10 -2.47 -14.25
C THR D 8 -18.97 -3.10 -15.63
N VAL D 9 -18.94 -2.31 -16.71
CA VAL D 9 -18.72 -2.82 -18.08
C VAL D 9 -17.23 -3.15 -18.25
N SER D 10 -16.93 -4.31 -18.83
CA SER D 10 -15.55 -4.72 -19.20
C SER D 10 -15.03 -3.81 -20.33
N VAL D 11 -13.82 -3.32 -20.19
CA VAL D 11 -13.20 -2.32 -21.10
C VAL D 11 -11.91 -2.92 -21.66
N GLY D 12 -11.64 -2.66 -22.95
CA GLY D 12 -10.41 -3.05 -23.65
C GLY D 12 -10.55 -4.42 -24.29
N SER D 13 -9.42 -5.03 -24.66
CA SER D 13 -9.31 -6.42 -25.19
C SER D 13 -7.89 -6.96 -24.91
N SER D 14 -7.59 -8.19 -25.35
CA SER D 14 -6.25 -8.83 -25.27
C SER D 14 -5.16 -7.90 -25.85
N GLU D 15 -5.56 -6.87 -26.65
CA GLU D 15 -4.68 -5.95 -27.43
C GLU D 15 -3.69 -6.78 -28.26
#